data_5GM0
#
_entry.id   5GM0
#
_cell.length_a   60.621
_cell.length_b   84.392
_cell.length_c   78.406
_cell.angle_alpha   90.00
_cell.angle_beta   109.24
_cell.angle_gamma   90.00
#
_symmetry.space_group_name_H-M   'P 1 21 1'
#
loop_
_entity.id
_entity.type
_entity.pdbx_description
1 polymer galectin
2 branched beta-D-galactopyranose-(1-4)-beta-D-glucopyranose
3 water water
#
_entity_poly.entity_id   1
_entity_poly.type   'polypeptide(L)'
_entity_poly.pdbx_seq_one_letter_code
;HHHHHHMATETNYPVPYRSKLTEPFEPGQTLIIKGKTAEDSVRFTINLHNTSADFSGNDVPLHISVRFDEGKIVFNTFSK
GEWGKEERKSNPYKKGDDIDIRIRAHDSKFSISVDQKEVKEYEHRVPLSSVTHFSVDGDILITYIHWGGKYYPVPYESGL
AGDGLAPGKSLLIFATPEKKGKRFHINLLKKNGDIALHFNPRFDEKAIVRNSLISGEWGNEEREGKNPLEKGIGCDLEFR
NEEYAFQIYVDGERFATYAHRLDPHDINGLQIGGDVEVTGIQMV
;
_entity_poly.pdbx_strand_id   A,B
#
# COMPACT_ATOMS: atom_id res chain seq x y z
N MET A 7 1.54 8.86 28.89
CA MET A 7 1.94 7.72 29.77
C MET A 7 3.33 7.23 29.39
N ALA A 8 3.99 7.96 28.49
CA ALA A 8 5.33 7.59 28.04
C ALA A 8 6.37 8.09 29.03
N THR A 9 6.17 9.32 29.50
CA THR A 9 7.09 9.93 30.47
C THR A 9 6.35 10.28 31.76
N GLU A 10 7.12 10.54 32.82
CA GLU A 10 6.54 10.90 34.12
C GLU A 10 6.62 12.39 34.40
N THR A 11 7.80 12.84 34.84
CA THR A 11 8.02 14.24 35.17
C THR A 11 7.21 14.65 36.41
N ASN A 12 5.92 14.91 36.21
CA ASN A 12 5.05 15.30 37.31
C ASN A 12 3.59 15.39 36.87
N TYR A 13 2.70 15.47 37.86
CA TYR A 13 1.25 15.55 37.60
C TYR A 13 0.72 14.23 37.06
N PRO A 14 1.07 13.10 37.72
CA PRO A 14 0.58 11.80 37.25
C PRO A 14 -0.92 11.62 37.47
N VAL A 15 -1.59 11.02 36.48
CA VAL A 15 -3.03 10.78 36.58
C VAL A 15 -3.28 9.37 37.12
N PRO A 16 -4.38 9.18 37.87
CA PRO A 16 -5.39 10.19 38.24
C PRO A 16 -4.81 11.29 39.12
N TYR A 17 -5.02 12.53 38.73
CA TYR A 17 -4.52 13.67 39.50
C TYR A 17 -5.62 14.27 40.36
N ARG A 18 -5.30 14.56 41.62
CA ARG A 18 -6.26 15.16 42.55
C ARG A 18 -5.57 16.21 43.40
N SER A 19 -6.25 17.32 43.63
CA SER A 19 -5.71 18.40 44.44
C SER A 19 -6.77 19.05 45.32
N LYS A 20 -6.42 19.29 46.59
CA LYS A 20 -7.33 19.93 47.52
C LYS A 20 -6.97 21.42 47.57
N LEU A 21 -7.94 22.27 47.26
CA LEU A 21 -7.72 23.70 47.26
C LEU A 21 -7.43 24.23 48.66
N THR A 22 -6.55 25.24 48.73
CA THR A 22 -6.17 25.87 49.99
C THR A 22 -7.42 26.52 50.57
N GLU A 23 -8.20 27.10 49.68
CA GLU A 23 -9.45 27.77 50.03
C GLU A 23 -10.40 27.55 48.84
N PRO A 24 -11.71 27.64 49.08
CA PRO A 24 -12.69 27.44 48.01
C PRO A 24 -12.46 28.33 46.78
N PHE A 25 -12.84 27.81 45.62
CA PHE A 25 -12.71 28.51 44.34
C PHE A 25 -13.57 29.78 44.40
N GLU A 26 -12.99 30.93 44.06
CA GLU A 26 -13.72 32.20 44.12
C GLU A 26 -13.79 32.93 42.78
N PRO A 27 -14.80 33.80 42.61
CA PRO A 27 -14.93 34.57 41.37
C PRO A 27 -13.63 35.30 41.06
N GLY A 28 -13.20 35.25 39.80
CA GLY A 28 -11.98 35.91 39.41
C GLY A 28 -10.77 35.00 39.32
N GLN A 29 -10.87 33.81 39.91
CA GLN A 29 -9.76 32.86 39.88
C GLN A 29 -9.86 31.95 38.65
N THR A 30 -8.71 31.51 38.17
CA THR A 30 -8.64 30.64 36.99
C THR A 30 -7.86 29.35 37.26
N LEU A 31 -8.36 28.25 36.70
CA LEU A 31 -7.69 26.96 36.81
C LEU A 31 -7.19 26.69 35.39
N ILE A 32 -5.88 26.51 35.26
CA ILE A 32 -5.26 26.27 33.97
C ILE A 32 -4.72 24.85 33.93
N ILE A 33 -5.08 24.12 32.87
CA ILE A 33 -4.63 22.74 32.70
C ILE A 33 -4.08 22.56 31.30
N LYS A 34 -2.81 22.16 31.21
CA LYS A 34 -2.19 21.92 29.91
C LYS A 34 -1.65 20.50 29.92
N GLY A 35 -1.64 19.87 28.75
CA GLY A 35 -1.14 18.51 28.67
C GLY A 35 -1.00 18.02 27.25
N LYS A 36 -0.55 16.78 27.12
CA LYS A 36 -0.36 16.16 25.82
C LYS A 36 -1.23 14.93 25.72
N THR A 37 -1.67 14.62 24.51
CA THR A 37 -2.48 13.43 24.29
C THR A 37 -1.73 12.53 23.34
N ALA A 38 -2.17 11.29 23.21
CA ALA A 38 -1.53 10.33 22.33
C ALA A 38 -2.39 10.04 21.11
N GLU A 39 -1.79 9.43 20.10
CA GLU A 39 -2.50 9.11 18.88
C GLU A 39 -3.63 8.12 19.17
N ASP A 40 -3.59 7.49 20.34
CA ASP A 40 -4.63 6.53 20.71
C ASP A 40 -5.51 7.03 21.87
N SER A 41 -5.33 8.28 22.27
CA SER A 41 -6.14 8.85 23.35
C SER A 41 -7.60 8.82 22.94
N VAL A 42 -8.49 8.52 23.89
CA VAL A 42 -9.92 8.48 23.58
C VAL A 42 -10.63 9.65 24.27
N ARG A 43 -10.32 9.85 25.55
CA ARG A 43 -10.94 10.94 26.30
C ARG A 43 -10.25 11.18 27.63
N PHE A 44 -10.48 12.36 28.19
CA PHE A 44 -9.95 12.69 29.50
C PHE A 44 -10.95 13.63 30.16
N THR A 45 -10.84 13.77 31.48
CA THR A 45 -11.78 14.60 32.21
C THR A 45 -11.13 15.57 33.19
N ILE A 46 -11.82 16.67 33.42
CA ILE A 46 -11.39 17.69 34.37
C ILE A 46 -12.62 17.90 35.25
N ASN A 47 -12.46 17.76 36.55
CA ASN A 47 -13.60 17.92 37.45
C ASN A 47 -13.34 18.85 38.63
N LEU A 48 -14.34 19.69 38.91
CA LEU A 48 -14.30 20.59 40.05
C LEU A 48 -15.28 19.86 40.96
N HIS A 49 -14.76 19.35 42.08
CA HIS A 49 -15.58 18.55 43.00
C HIS A 49 -15.60 19.01 44.45
N ASN A 50 -16.61 18.52 45.17
CA ASN A 50 -16.82 18.84 46.58
C ASN A 50 -16.07 17.91 47.54
N THR A 51 -16.76 16.89 48.01
CA THR A 51 -16.21 15.91 48.96
C THR A 51 -15.55 16.56 50.17
N SER A 52 -15.16 15.74 51.15
CA SER A 52 -14.53 16.23 52.36
C SER A 52 -13.04 16.51 52.15
N ALA A 53 -12.24 15.44 52.13
CA ALA A 53 -10.80 15.57 51.95
C ALA A 53 -10.24 14.44 51.09
N ASP A 54 -10.99 13.34 51.00
CA ASP A 54 -10.56 12.20 50.21
C ASP A 54 -11.69 11.18 50.04
N PHE A 55 -12.88 11.51 50.53
CA PHE A 55 -14.03 10.63 50.43
C PHE A 55 -14.32 10.29 48.97
N SER A 56 -14.38 11.31 48.13
CA SER A 56 -14.66 11.12 46.71
C SER A 56 -16.03 10.52 46.46
N GLY A 57 -16.94 11.31 45.90
CA GLY A 57 -18.27 10.83 45.62
C GLY A 57 -19.36 11.86 45.85
N ASN A 58 -18.98 13.03 46.35
CA ASN A 58 -19.94 14.09 46.61
C ASN A 58 -20.32 14.84 45.34
N ASP A 59 -20.67 16.12 45.49
CA ASP A 59 -21.07 16.93 44.35
C ASP A 59 -19.93 17.24 43.39
N VAL A 60 -20.31 17.48 42.13
CA VAL A 60 -19.35 17.85 41.09
C VAL A 60 -19.98 19.05 40.40
N PRO A 61 -19.70 20.27 40.90
CA PRO A 61 -20.25 21.50 40.30
C PRO A 61 -19.98 21.64 38.80
N LEU A 62 -18.81 21.19 38.36
CA LEU A 62 -18.47 21.27 36.95
C LEU A 62 -17.66 20.07 36.52
N HIS A 63 -18.19 19.32 35.57
CA HIS A 63 -17.54 18.14 35.02
C HIS A 63 -17.28 18.44 33.56
N ILE A 64 -16.04 18.30 33.12
CA ILE A 64 -15.68 18.55 31.72
C ILE A 64 -15.12 17.26 31.12
N SER A 65 -15.74 16.82 30.03
CA SER A 65 -15.30 15.61 29.35
C SER A 65 -14.84 15.98 27.93
N VAL A 66 -13.57 15.76 27.65
CA VAL A 66 -13.00 16.05 26.33
C VAL A 66 -13.00 14.70 25.62
N ARG A 67 -13.85 14.59 24.60
CA ARG A 67 -14.02 13.34 23.88
C ARG A 67 -13.50 13.35 22.46
N PHE A 68 -12.52 12.49 22.18
CA PHE A 68 -11.94 12.40 20.85
C PHE A 68 -12.77 11.49 19.95
N ASP A 69 -13.48 10.55 20.57
CA ASP A 69 -14.32 9.62 19.85
C ASP A 69 -15.52 10.40 19.28
N GLU A 70 -16.21 11.14 20.14
CA GLU A 70 -17.38 11.93 19.75
C GLU A 70 -17.00 13.28 19.13
N GLY A 71 -15.78 13.71 19.37
CA GLY A 71 -15.33 14.99 18.83
C GLY A 71 -16.03 16.15 19.49
N LYS A 72 -16.30 16.02 20.78
CA LYS A 72 -16.99 17.07 21.53
C LYS A 72 -16.40 17.30 22.91
N ILE A 73 -16.66 18.48 23.46
CA ILE A 73 -16.25 18.80 24.82
C ILE A 73 -17.61 18.89 25.49
N VAL A 74 -17.80 18.09 26.54
CA VAL A 74 -19.10 18.02 27.21
C VAL A 74 -19.01 18.47 28.66
N PHE A 75 -19.99 19.29 29.07
CA PHE A 75 -20.05 19.86 30.42
C PHE A 75 -21.32 19.42 31.15
N ASN A 76 -21.21 19.16 32.45
CA ASN A 76 -22.37 18.76 33.22
C ASN A 76 -22.08 18.96 34.71
N THR A 77 -23.10 18.74 35.53
CA THR A 77 -22.98 18.87 36.99
C THR A 77 -23.62 17.65 37.65
N PHE A 78 -23.00 17.18 38.72
CA PHE A 78 -23.52 16.05 39.49
C PHE A 78 -23.85 16.57 40.88
N SER A 79 -25.07 16.34 41.33
CA SER A 79 -25.46 16.79 42.67
C SER A 79 -26.64 16.00 43.19
N LYS A 80 -26.68 15.80 44.50
CA LYS A 80 -27.75 15.05 45.14
C LYS A 80 -27.89 13.68 44.48
N GLY A 81 -26.76 13.09 44.11
CA GLY A 81 -26.75 11.77 43.50
C GLY A 81 -27.24 11.64 42.06
N GLU A 82 -27.42 12.77 41.37
CA GLU A 82 -27.92 12.74 40.01
C GLU A 82 -27.21 13.71 39.07
N TRP A 83 -27.14 13.32 37.80
CA TRP A 83 -26.53 14.16 36.78
C TRP A 83 -27.58 15.01 36.11
N GLY A 84 -27.18 16.19 35.67
CA GLY A 84 -28.11 17.06 34.98
C GLY A 84 -28.02 16.82 33.48
N LYS A 85 -28.51 17.78 32.70
CA LYS A 85 -28.48 17.65 31.25
C LYS A 85 -27.15 18.17 30.72
N GLU A 86 -26.47 17.35 29.92
CA GLU A 86 -25.18 17.73 29.35
C GLU A 86 -25.28 18.86 28.33
N GLU A 87 -24.26 19.70 28.30
CA GLU A 87 -24.18 20.80 27.34
C GLU A 87 -22.92 20.52 26.54
N ARG A 88 -22.99 20.67 25.21
CA ARG A 88 -21.85 20.35 24.35
C ARG A 88 -21.32 21.48 23.48
N LYS A 89 -20.05 21.32 23.10
CA LYS A 89 -19.34 22.23 22.20
C LYS A 89 -18.42 21.36 21.38
N SER A 90 -17.99 21.85 20.22
CA SER A 90 -17.09 21.08 19.41
C SER A 90 -15.71 20.94 20.04
N ASN A 91 -15.06 19.79 19.80
CA ASN A 91 -13.71 19.51 20.29
C ASN A 91 -12.79 19.90 19.13
N PRO A 92 -11.97 20.95 19.29
CA PRO A 92 -11.07 21.38 18.22
C PRO A 92 -9.81 20.53 18.08
N TYR A 93 -9.57 19.67 19.06
CA TYR A 93 -8.38 18.82 19.07
C TYR A 93 -8.47 17.48 18.35
N LYS A 94 -7.37 17.11 17.73
CA LYS A 94 -7.21 15.84 17.03
C LYS A 94 -6.42 14.95 18.00
N LYS A 95 -6.61 13.64 17.93
CA LYS A 95 -5.86 12.76 18.82
C LYS A 95 -4.39 13.08 18.60
N GLY A 96 -3.69 13.37 19.68
CA GLY A 96 -2.31 13.76 19.57
C GLY A 96 -2.31 15.26 19.81
N ASP A 97 -1.16 15.92 19.66
CA ASP A 97 -1.08 17.36 19.89
C ASP A 97 -1.63 17.79 21.26
N ASP A 98 -1.06 18.87 21.76
CA ASP A 98 -1.36 19.41 23.07
C ASP A 98 -2.69 20.12 23.28
N ILE A 99 -3.15 20.09 24.53
CA ILE A 99 -4.40 20.75 24.90
C ILE A 99 -4.12 21.83 25.93
N ASP A 100 -4.98 22.85 25.94
CA ASP A 100 -4.84 23.98 26.85
C ASP A 100 -6.26 24.39 27.23
N ILE A 101 -6.68 24.00 28.42
CA ILE A 101 -8.03 24.32 28.86
C ILE A 101 -7.97 25.16 30.14
N ARG A 102 -8.68 26.28 30.13
CA ARG A 102 -8.69 27.18 31.28
C ARG A 102 -10.10 27.49 31.75
N ILE A 103 -10.31 27.40 33.05
CA ILE A 103 -11.62 27.62 33.63
C ILE A 103 -11.58 28.79 34.60
N ARG A 104 -12.29 29.86 34.27
CA ARG A 104 -12.32 31.03 35.13
C ARG A 104 -13.68 31.13 35.82
N ALA A 105 -13.68 31.28 37.13
CA ALA A 105 -14.93 31.38 37.86
C ALA A 105 -15.39 32.84 37.95
N HIS A 106 -16.69 33.04 37.84
CA HIS A 106 -17.30 34.36 37.96
C HIS A 106 -18.46 34.19 38.93
N ASP A 107 -19.23 35.23 39.22
CA ASP A 107 -20.31 35.04 40.19
C ASP A 107 -21.56 34.36 39.65
N SER A 108 -21.68 34.26 38.33
CA SER A 108 -22.86 33.64 37.77
C SER A 108 -22.56 32.46 36.86
N LYS A 109 -21.29 32.26 36.53
CA LYS A 109 -20.91 31.19 35.62
C LYS A 109 -19.42 30.90 35.65
N PHE A 110 -19.04 29.87 34.89
CA PHE A 110 -17.65 29.51 34.69
C PHE A 110 -17.43 29.88 33.23
N SER A 111 -16.28 30.46 32.93
CA SER A 111 -15.96 30.81 31.55
C SER A 111 -14.84 29.86 31.17
N ILE A 112 -15.09 29.00 30.20
CA ILE A 112 -14.09 28.04 29.80
C ILE A 112 -13.46 28.37 28.44
N SER A 113 -12.14 28.43 28.40
CA SER A 113 -11.44 28.71 27.16
C SER A 113 -10.64 27.50 26.73
N VAL A 114 -10.54 27.31 25.42
CA VAL A 114 -9.77 26.20 24.85
C VAL A 114 -8.81 26.87 23.88
N ASP A 115 -7.51 26.66 24.09
CA ASP A 115 -6.46 27.26 23.28
C ASP A 115 -6.56 28.79 23.38
N GLN A 116 -6.89 29.27 24.58
CA GLN A 116 -7.02 30.69 24.88
C GLN A 116 -8.18 31.41 24.22
N LYS A 117 -9.12 30.63 23.66
CA LYS A 117 -10.28 31.19 23.01
C LYS A 117 -11.49 30.77 23.85
N GLU A 118 -12.31 31.73 24.24
CA GLU A 118 -13.49 31.45 25.04
C GLU A 118 -14.50 30.65 24.21
N VAL A 119 -14.87 29.47 24.68
CA VAL A 119 -15.81 28.65 23.93
C VAL A 119 -17.08 28.26 24.69
N LYS A 120 -17.07 28.41 26.01
CA LYS A 120 -18.25 28.05 26.79
C LYS A 120 -18.48 28.87 28.05
N GLU A 121 -19.73 29.28 28.25
CA GLU A 121 -20.15 29.98 29.45
C GLU A 121 -21.09 28.97 30.08
N TYR A 122 -20.69 28.42 31.22
CA TYR A 122 -21.48 27.43 31.93
C TYR A 122 -22.08 28.08 33.18
N GLU A 123 -23.40 28.31 33.18
CA GLU A 123 -24.04 28.93 34.34
C GLU A 123 -23.98 28.02 35.57
N HIS A 124 -23.72 28.60 36.74
CA HIS A 124 -23.67 27.78 37.96
C HIS A 124 -25.01 27.11 38.22
N ARG A 125 -24.97 25.83 38.55
CA ARG A 125 -26.18 25.09 38.84
C ARG A 125 -26.22 24.77 40.34
N VAL A 126 -25.03 24.70 40.94
CA VAL A 126 -24.88 24.46 42.38
C VAL A 126 -23.83 25.47 42.86
N PRO A 127 -23.72 25.66 44.19
CA PRO A 127 -22.74 26.62 44.71
C PRO A 127 -21.29 26.43 44.31
N LEU A 128 -20.70 27.51 43.81
CA LEU A 128 -19.29 27.51 43.42
C LEU A 128 -18.46 27.22 44.66
N SER A 129 -18.94 27.70 45.81
CA SER A 129 -18.23 27.49 47.06
C SER A 129 -18.16 26.01 47.45
N SER A 130 -18.93 25.19 46.75
CA SER A 130 -18.94 23.75 47.01
C SER A 130 -17.67 23.11 46.45
N VAL A 131 -17.01 23.82 45.53
CA VAL A 131 -15.78 23.33 44.91
C VAL A 131 -14.61 23.41 45.90
N THR A 132 -14.17 22.25 46.38
CA THR A 132 -13.07 22.19 47.33
C THR A 132 -11.86 21.44 46.77
N HIS A 133 -12.06 20.73 45.65
CA HIS A 133 -11.00 19.97 45.01
C HIS A 133 -11.17 19.99 43.49
N PHE A 134 -10.13 19.55 42.78
CA PHE A 134 -10.21 19.43 41.35
C PHE A 134 -9.38 18.22 40.97
N SER A 135 -9.84 17.50 39.95
CA SER A 135 -9.17 16.29 39.50
C SER A 135 -9.06 16.30 37.99
N VAL A 136 -8.09 15.55 37.49
CA VAL A 136 -7.86 15.41 36.06
C VAL A 136 -7.50 13.95 35.87
N ASP A 137 -8.14 13.29 34.92
CA ASP A 137 -7.85 11.87 34.68
C ASP A 137 -8.14 11.52 33.24
N GLY A 138 -7.69 10.34 32.82
CA GLY A 138 -7.93 9.92 31.45
C GLY A 138 -6.70 9.84 30.58
N ASP A 139 -6.91 9.87 29.27
CA ASP A 139 -5.83 9.76 28.30
C ASP A 139 -5.11 11.08 28.06
N ILE A 140 -4.44 11.59 29.08
CA ILE A 140 -3.71 12.84 28.98
C ILE A 140 -2.46 12.80 29.85
N LEU A 141 -1.40 13.44 29.39
CA LEU A 141 -0.16 13.54 30.14
C LEU A 141 -0.13 15.02 30.52
N ILE A 142 -0.36 15.31 31.80
CA ILE A 142 -0.39 16.68 32.26
C ILE A 142 0.99 17.31 32.32
N THR A 143 1.14 18.50 31.76
CA THR A 143 2.43 19.18 31.76
C THR A 143 2.42 20.49 32.55
N TYR A 144 1.23 21.02 32.82
CA TYR A 144 1.13 22.27 33.57
C TYR A 144 -0.24 22.44 34.21
N ILE A 145 -0.23 22.81 35.48
CA ILE A 145 -1.47 23.04 36.21
C ILE A 145 -1.26 24.22 37.15
N HIS A 146 -2.20 25.16 37.11
CA HIS A 146 -2.11 26.30 37.99
C HIS A 146 -3.49 26.84 38.30
N TRP A 147 -3.70 27.20 39.57
CA TRP A 147 -4.96 27.76 39.99
C TRP A 147 -4.60 29.00 40.80
N GLY A 148 -5.24 30.12 40.48
CA GLY A 148 -4.93 31.34 41.19
C GLY A 148 -5.50 32.52 40.44
N GLY A 149 -4.88 33.69 40.60
CA GLY A 149 -5.39 34.87 39.93
C GLY A 149 -6.50 35.51 40.74
N LYS A 150 -7.08 36.56 40.18
CA LYS A 150 -8.18 37.30 40.80
C LYS A 150 -8.59 38.34 39.77
N TYR A 151 -9.49 39.24 40.16
CA TYR A 151 -9.88 40.32 39.24
C TYR A 151 -8.85 41.43 39.41
N TYR A 152 -8.02 41.62 38.39
CA TYR A 152 -6.99 42.64 38.42
C TYR A 152 -7.54 43.90 37.76
N PRO A 153 -7.69 44.99 38.53
CA PRO A 153 -8.21 46.19 37.88
C PRO A 153 -7.17 46.79 36.94
N VAL A 154 -7.63 47.35 35.83
CA VAL A 154 -6.74 47.98 34.86
C VAL A 154 -7.27 49.39 34.57
N PRO A 155 -6.40 50.41 34.60
CA PRO A 155 -4.96 50.36 34.87
C PRO A 155 -4.60 49.75 36.22
N TYR A 156 -3.50 49.01 36.20
CA TYR A 156 -2.99 48.29 37.35
C TYR A 156 -1.62 48.80 37.75
N GLU A 157 -1.35 48.76 39.06
CA GLU A 157 -0.04 49.17 39.55
C GLU A 157 0.22 48.47 40.87
N SER A 158 1.42 47.92 41.01
CA SER A 158 1.79 47.23 42.23
C SER A 158 3.30 47.10 42.34
N GLY A 159 3.76 46.80 43.55
CA GLY A 159 5.18 46.63 43.77
C GLY A 159 5.48 45.16 43.56
N LEU A 160 6.74 44.83 43.33
CA LEU A 160 7.12 43.44 43.13
C LEU A 160 7.95 42.97 44.30
N ALA A 161 7.36 42.08 45.11
CA ALA A 161 8.00 41.50 46.30
C ALA A 161 9.07 42.41 46.89
N GLY A 162 10.17 41.80 47.32
CA GLY A 162 11.27 42.55 47.90
C GLY A 162 12.47 42.46 46.97
N ASP A 163 12.57 41.33 46.30
CA ASP A 163 13.66 41.08 45.37
C ASP A 163 13.27 41.62 43.99
N GLY A 164 11.97 41.58 43.71
CA GLY A 164 11.48 42.08 42.43
C GLY A 164 11.89 41.17 41.28
N LEU A 165 11.81 41.70 40.06
CA LEU A 165 12.19 40.92 38.88
C LEU A 165 13.71 40.91 38.82
N ALA A 166 14.33 40.16 39.73
CA ALA A 166 15.78 40.07 39.80
C ALA A 166 16.34 39.11 38.76
N PRO A 167 17.65 39.20 38.48
CA PRO A 167 18.25 38.31 37.49
C PRO A 167 17.95 36.86 37.79
N GLY A 168 17.61 36.10 36.75
CA GLY A 168 17.29 34.69 36.94
C GLY A 168 15.81 34.47 37.24
N LYS A 169 15.06 35.56 37.37
CA LYS A 169 13.64 35.46 37.68
C LYS A 169 12.82 35.87 36.46
N SER A 170 11.52 35.56 36.51
CA SER A 170 10.65 35.91 35.40
C SER A 170 9.27 36.30 35.92
N LEU A 171 8.70 37.32 35.29
CA LEU A 171 7.37 37.81 35.64
C LEU A 171 6.43 37.22 34.60
N LEU A 172 5.41 36.49 35.07
CA LEU A 172 4.45 35.86 34.18
C LEU A 172 3.12 36.58 34.27
N ILE A 173 2.60 37.01 33.13
CA ILE A 173 1.32 37.72 33.08
C ILE A 173 0.35 37.02 32.13
N PHE A 174 -0.85 36.73 32.61
CA PHE A 174 -1.89 36.10 31.82
C PHE A 174 -2.85 37.23 31.48
N ALA A 175 -3.04 37.50 30.20
CA ALA A 175 -3.93 38.58 29.81
C ALA A 175 -4.63 38.33 28.48
N THR A 176 -5.65 39.14 28.22
CA THR A 176 -6.41 39.02 26.99
C THR A 176 -6.62 40.42 26.40
N PRO A 177 -6.00 40.69 25.24
CA PRO A 177 -6.18 42.02 24.64
C PRO A 177 -7.67 42.17 24.32
N GLU A 178 -8.24 43.34 24.57
CA GLU A 178 -9.66 43.52 24.32
C GLU A 178 -9.99 43.33 22.84
N LYS A 179 -11.15 42.73 22.58
CA LYS A 179 -11.63 42.45 21.23
C LYS A 179 -11.51 43.61 20.27
N LYS A 180 -11.88 44.80 20.72
CA LYS A 180 -11.82 45.98 19.88
C LYS A 180 -10.82 47.02 20.41
N GLY A 181 -9.84 46.55 21.17
CA GLY A 181 -8.83 47.44 21.71
C GLY A 181 -7.82 47.81 20.64
N LYS A 182 -7.06 48.88 20.89
CA LYS A 182 -6.05 49.34 19.94
C LYS A 182 -4.64 49.05 20.43
N ARG A 183 -4.42 49.26 21.72
CA ARG A 183 -3.10 49.01 22.29
C ARG A 183 -3.14 48.93 23.81
N PHE A 184 -2.10 48.32 24.39
CA PHE A 184 -1.99 48.24 25.83
C PHE A 184 -0.52 48.19 26.14
N HIS A 185 -0.16 48.33 27.41
CA HIS A 185 1.25 48.31 27.75
C HIS A 185 1.52 47.74 29.14
N ILE A 186 2.75 47.32 29.33
CA ILE A 186 3.22 46.80 30.59
C ILE A 186 4.54 47.49 30.86
N ASN A 187 4.68 48.06 32.05
CA ASN A 187 5.90 48.74 32.42
C ASN A 187 6.56 48.05 33.61
N LEU A 188 7.86 47.82 33.50
CA LEU A 188 8.64 47.22 34.58
C LEU A 188 9.49 48.41 35.02
N LEU A 189 9.25 48.88 36.24
CA LEU A 189 9.93 50.06 36.74
C LEU A 189 10.88 49.92 37.92
N LYS A 190 11.67 50.97 38.12
CA LYS A 190 12.60 51.06 39.23
C LYS A 190 12.02 52.07 40.22
N LYS A 191 12.59 52.10 41.42
CA LYS A 191 12.13 52.97 42.49
C LYS A 191 11.93 54.45 42.13
N ASN A 192 12.77 54.98 41.25
CA ASN A 192 12.69 56.39 40.87
C ASN A 192 11.68 56.71 39.78
N GLY A 193 11.00 55.69 39.26
CA GLY A 193 10.02 55.94 38.22
C GLY A 193 10.52 55.64 36.82
N ASP A 194 11.83 55.40 36.68
CA ASP A 194 12.36 55.08 35.36
C ASP A 194 11.76 53.75 34.95
N ILE A 195 11.49 53.59 33.66
CA ILE A 195 10.92 52.35 33.18
C ILE A 195 12.02 51.52 32.50
N ALA A 196 12.40 50.41 33.12
CA ALA A 196 13.42 49.52 32.57
C ALA A 196 12.95 48.95 31.25
N LEU A 197 11.69 48.54 31.21
CA LEU A 197 11.13 48.00 29.98
C LEU A 197 9.66 48.36 29.84
N HIS A 198 9.35 48.96 28.70
CA HIS A 198 8.01 49.38 28.33
C HIS A 198 7.64 48.42 27.18
N PHE A 199 6.67 47.54 27.43
CA PHE A 199 6.19 46.55 26.46
C PHE A 199 4.85 47.10 25.98
N ASN A 200 4.78 47.49 24.71
CA ASN A 200 3.60 48.15 24.18
C ASN A 200 3.00 47.61 22.87
N PRO A 201 2.15 46.57 22.96
CA PRO A 201 1.53 46.01 21.74
C PRO A 201 0.61 47.04 21.10
N ARG A 202 0.80 47.29 19.81
CA ARG A 202 -0.02 48.25 19.08
C ARG A 202 -0.64 47.57 17.87
N PHE A 203 -1.88 47.14 18.01
CA PHE A 203 -2.59 46.46 16.94
C PHE A 203 -2.82 47.38 15.74
N ASP A 204 -2.93 48.68 15.97
CA ASP A 204 -3.14 49.63 14.88
C ASP A 204 -1.88 49.78 14.04
N GLU A 205 -0.72 49.45 14.63
CA GLU A 205 0.55 49.54 13.93
C GLU A 205 1.13 48.16 13.65
N LYS A 206 0.40 47.12 14.06
CA LYS A 206 0.81 45.74 13.86
C LYS A 206 2.23 45.47 14.37
N ALA A 207 2.56 46.01 15.53
CA ALA A 207 3.88 45.81 16.09
C ALA A 207 3.86 46.02 17.60
N ILE A 208 4.86 45.45 18.28
CA ILE A 208 4.97 45.62 19.72
C ILE A 208 6.16 46.53 19.93
N VAL A 209 5.92 47.69 20.53
CA VAL A 209 7.00 48.63 20.78
C VAL A 209 7.66 48.36 22.13
N ARG A 210 8.98 48.35 22.13
CA ARG A 210 9.75 48.14 23.36
C ARG A 210 10.66 49.35 23.52
N ASN A 211 10.70 49.90 24.73
CA ASN A 211 11.53 51.08 24.99
C ASN A 211 11.79 51.20 26.49
N SER A 212 12.55 52.22 26.86
CA SER A 212 12.88 52.51 28.25
C SER A 212 12.63 53.99 28.49
N LEU A 213 12.25 54.33 29.71
CA LEU A 213 11.99 55.73 30.06
C LEU A 213 13.03 56.08 31.13
N ILE A 214 14.00 56.90 30.76
CA ILE A 214 15.05 57.27 31.70
C ILE A 214 15.10 58.78 31.91
N SER A 215 14.91 59.19 33.16
CA SER A 215 14.91 60.61 33.52
C SER A 215 13.89 61.38 32.70
N GLY A 216 12.71 60.81 32.54
CA GLY A 216 11.65 61.45 31.78
C GLY A 216 11.76 61.41 30.27
N GLU A 217 12.78 60.75 29.74
CA GLU A 217 12.95 60.69 28.29
C GLU A 217 12.88 59.27 27.72
N TRP A 218 12.16 59.13 26.61
CA TRP A 218 12.02 57.84 25.95
C TRP A 218 13.25 57.56 25.10
N GLY A 219 13.65 56.30 25.03
CA GLY A 219 14.82 55.93 24.25
C GLY A 219 14.54 55.60 22.80
N ASN A 220 15.49 54.90 22.20
CA ASN A 220 15.42 54.50 20.79
C ASN A 220 14.07 53.98 20.33
N GLU A 221 13.69 52.80 20.82
CA GLU A 221 12.42 52.14 20.47
C GLU A 221 12.73 50.93 19.57
N GLU A 222 12.42 49.74 20.08
CA GLU A 222 12.66 48.50 19.35
C GLU A 222 11.33 47.85 19.02
N ARG A 223 11.05 47.72 17.73
CA ARG A 223 9.79 47.10 17.28
C ARG A 223 10.08 45.96 16.31
N GLU A 224 9.11 45.64 15.47
CA GLU A 224 9.28 44.58 14.49
C GLU A 224 9.43 43.19 15.11
N GLY A 225 9.00 42.17 14.36
CA GLY A 225 9.06 40.80 14.81
C GLY A 225 7.72 40.12 14.64
N LYS A 226 6.80 40.81 13.96
CA LYS A 226 5.45 40.32 13.72
C LYS A 226 4.73 40.10 15.04
N ASN A 227 3.63 40.83 15.24
CA ASN A 227 2.86 40.73 16.46
C ASN A 227 2.19 39.37 16.63
N PRO A 228 2.60 38.62 17.67
CA PRO A 228 2.04 37.29 17.95
C PRO A 228 0.69 37.32 18.68
N LEU A 229 0.30 38.50 19.16
CA LEU A 229 -0.95 38.63 19.89
C LEU A 229 -2.15 38.84 18.97
N GLU A 230 -3.35 38.57 19.47
CA GLU A 230 -4.57 38.73 18.70
C GLU A 230 -5.68 39.21 19.60
N LYS A 231 -6.42 40.20 19.12
CA LYS A 231 -7.52 40.77 19.89
C LYS A 231 -8.53 39.70 20.28
N GLY A 232 -8.88 39.66 21.56
CA GLY A 232 -9.87 38.69 22.02
C GLY A 232 -9.35 37.32 22.39
N ILE A 233 -8.07 37.08 22.14
CA ILE A 233 -7.48 35.78 22.48
C ILE A 233 -6.52 35.93 23.64
N GLY A 234 -6.61 35.02 24.60
CA GLY A 234 -5.74 35.07 25.76
C GLY A 234 -4.29 34.80 25.37
N CYS A 235 -3.36 35.33 26.17
CA CYS A 235 -1.95 35.13 25.91
C CYS A 235 -1.18 34.96 27.21
N ASP A 236 -0.03 34.29 27.13
CA ASP A 236 0.83 34.11 28.29
C ASP A 236 2.07 34.94 27.98
N LEU A 237 2.31 35.97 28.78
CA LEU A 237 3.46 36.84 28.60
C LEU A 237 4.47 36.56 29.69
N GLU A 238 5.72 36.33 29.31
CA GLU A 238 6.75 36.08 30.29
C GLU A 238 7.96 36.98 30.03
N PHE A 239 8.35 37.71 31.06
CA PHE A 239 9.49 38.60 30.99
C PHE A 239 10.59 37.99 31.84
N ARG A 240 11.59 37.40 31.17
CA ARG A 240 12.70 36.76 31.88
C ARG A 240 13.89 37.70 32.00
N ASN A 241 14.29 38.01 33.22
CA ASN A 241 15.43 38.89 33.47
C ASN A 241 16.69 38.03 33.41
N GLU A 242 17.44 38.17 32.32
CA GLU A 242 18.67 37.40 32.16
C GLU A 242 19.89 38.30 32.20
N GLU A 243 21.07 37.69 32.23
CA GLU A 243 22.33 38.39 32.32
C GLU A 243 22.49 39.65 31.46
N TYR A 244 22.29 39.53 30.15
CA TYR A 244 22.48 40.68 29.28
C TYR A 244 21.23 41.34 28.76
N ALA A 245 20.09 40.67 28.91
CA ALA A 245 18.87 41.25 28.40
C ALA A 245 17.63 40.52 28.91
N PHE A 246 16.48 41.16 28.69
CA PHE A 246 15.20 40.58 29.05
C PHE A 246 14.86 39.66 27.89
N GLN A 247 14.36 38.47 28.19
CA GLN A 247 13.94 37.53 27.17
C GLN A 247 12.42 37.59 27.27
N ILE A 248 11.78 38.06 26.20
CA ILE A 248 10.33 38.18 26.20
C ILE A 248 9.67 37.02 25.49
N TYR A 249 8.93 36.21 26.25
CA TYR A 249 8.24 35.06 25.68
C TYR A 249 6.75 35.34 25.54
N VAL A 250 6.19 34.93 24.41
CA VAL A 250 4.76 35.10 24.17
C VAL A 250 4.22 33.72 23.82
N ASP A 251 3.30 33.22 24.65
CA ASP A 251 2.70 31.92 24.43
C ASP A 251 3.74 30.81 24.25
N GLY A 252 4.76 30.82 25.12
CA GLY A 252 5.79 29.79 25.08
C GLY A 252 6.89 29.92 24.04
N GLU A 253 6.85 30.97 23.24
CA GLU A 253 7.86 31.18 22.20
C GLU A 253 8.60 32.48 22.43
N ARG A 254 9.92 32.47 22.31
CA ARG A 254 10.69 33.70 22.52
C ARG A 254 10.32 34.67 21.40
N PHE A 255 9.74 35.80 21.79
CA PHE A 255 9.33 36.82 20.84
C PHE A 255 10.46 37.80 20.55
N ALA A 256 11.20 38.16 21.59
CA ALA A 256 12.31 39.10 21.41
C ALA A 256 13.17 39.20 22.65
N THR A 257 14.32 39.84 22.47
CA THR A 257 15.25 40.07 23.56
C THR A 257 15.35 41.60 23.64
N TYR A 258 15.68 42.10 24.82
CA TYR A 258 15.80 43.54 25.00
C TYR A 258 16.99 43.78 25.91
N ALA A 259 18.07 44.28 25.32
CA ALA A 259 19.28 44.54 26.09
C ALA A 259 19.00 45.52 27.20
N HIS A 260 19.50 45.24 28.39
CA HIS A 260 19.29 46.12 29.54
C HIS A 260 19.87 47.50 29.29
N ARG A 261 19.09 48.53 29.55
CA ARG A 261 19.56 49.90 29.37
C ARG A 261 19.78 50.50 30.75
N LEU A 262 19.13 49.90 31.74
CA LEU A 262 19.27 50.30 33.13
C LEU A 262 19.79 49.07 33.84
N ASP A 263 20.59 49.27 34.87
CA ASP A 263 21.12 48.14 35.62
C ASP A 263 19.96 47.23 36.01
N PRO A 264 20.10 45.92 35.82
CA PRO A 264 18.97 45.10 36.23
C PRO A 264 18.90 45.25 37.75
N HIS A 265 18.38 44.27 38.46
CA HIS A 265 18.28 44.38 39.91
C HIS A 265 17.41 45.58 40.30
N ASP A 266 16.70 45.43 41.41
CA ASP A 266 15.86 46.49 41.92
C ASP A 266 14.69 46.88 41.03
N ILE A 267 14.26 45.96 40.17
CA ILE A 267 13.11 46.24 39.32
C ILE A 267 11.95 45.77 40.20
N ASN A 268 11.42 46.71 40.97
CA ASN A 268 10.36 46.41 41.93
C ASN A 268 9.02 47.07 41.67
N GLY A 269 8.77 47.51 40.44
CA GLY A 269 7.51 48.15 40.14
C GLY A 269 6.86 47.63 38.87
N LEU A 270 5.54 47.56 38.87
CA LEU A 270 4.78 47.09 37.72
C LEU A 270 3.55 47.93 37.46
N GLN A 271 3.33 48.26 36.19
CA GLN A 271 2.15 49.01 35.77
C GLN A 271 1.62 48.34 34.51
N ILE A 272 0.30 48.26 34.39
CA ILE A 272 -0.33 47.69 33.22
C ILE A 272 -1.47 48.64 32.87
N GLY A 273 -1.56 49.02 31.60
CA GLY A 273 -2.61 49.93 31.20
C GLY A 273 -3.07 49.68 29.77
N GLY A 274 -4.06 50.43 29.33
CA GLY A 274 -4.54 50.26 27.97
C GLY A 274 -5.69 49.28 27.84
N ASP A 275 -5.96 48.89 26.60
CA ASP A 275 -7.06 48.00 26.27
C ASP A 275 -6.75 46.52 26.48
N VAL A 276 -6.70 46.11 27.74
CA VAL A 276 -6.39 44.73 28.06
C VAL A 276 -7.04 44.30 29.37
N GLU A 277 -7.33 43.01 29.48
CA GLU A 277 -7.92 42.45 30.67
C GLU A 277 -6.86 41.51 31.24
N VAL A 278 -6.54 41.69 32.52
CA VAL A 278 -5.51 40.88 33.18
C VAL A 278 -6.15 39.83 34.08
N THR A 279 -5.73 38.58 33.94
CA THR A 279 -6.31 37.51 34.73
C THR A 279 -5.31 36.77 35.61
N GLY A 280 -4.04 37.14 35.52
CA GLY A 280 -3.04 36.50 36.35
C GLY A 280 -1.68 37.15 36.28
N ILE A 281 -1.01 37.22 37.43
CA ILE A 281 0.33 37.79 37.51
C ILE A 281 1.11 36.94 38.52
N GLN A 282 2.24 36.40 38.10
CA GLN A 282 3.07 35.58 38.99
C GLN A 282 4.55 35.86 38.78
N MET A 283 5.32 35.70 39.85
CA MET A 283 6.77 35.85 39.76
C MET A 283 7.29 34.42 39.82
N VAL A 284 7.94 33.97 38.75
CA VAL A 284 8.46 32.61 38.67
C VAL A 284 9.98 32.59 38.58
N MET B 7 1.92 -10.39 -22.32
CA MET B 7 0.63 -9.67 -22.56
C MET B 7 -0.39 -9.98 -21.45
N ALA B 8 -0.88 -11.20 -21.44
CA ALA B 8 -1.85 -11.62 -20.43
C ALA B 8 -1.20 -11.52 -19.06
N THR B 9 -0.02 -12.13 -18.92
CA THR B 9 0.75 -12.12 -17.69
C THR B 9 2.15 -12.67 -17.98
N GLU B 10 3.18 -11.99 -17.47
CA GLU B 10 4.55 -12.41 -17.68
C GLU B 10 4.70 -13.92 -17.60
N THR B 11 4.60 -14.45 -16.37
CA THR B 11 4.72 -15.88 -16.15
C THR B 11 5.85 -16.51 -16.96
N ASN B 12 5.53 -17.54 -17.72
CA ASN B 12 6.50 -18.25 -18.54
C ASN B 12 6.56 -17.71 -19.97
N TYR B 13 7.51 -18.25 -20.74
CA TYR B 13 7.70 -17.86 -22.14
C TYR B 13 7.75 -16.36 -22.40
N PRO B 14 8.44 -15.58 -21.55
CA PRO B 14 8.49 -14.14 -21.81
C PRO B 14 9.29 -13.81 -23.08
N VAL B 15 8.74 -12.93 -23.91
CA VAL B 15 9.45 -12.54 -25.14
C VAL B 15 10.26 -11.28 -24.88
N PRO B 16 11.46 -11.20 -25.46
CA PRO B 16 12.08 -12.21 -26.33
C PRO B 16 12.40 -13.50 -25.57
N TYR B 17 12.15 -14.63 -26.22
CA TYR B 17 12.40 -15.94 -25.61
C TYR B 17 13.56 -16.65 -26.28
N ARG B 18 14.57 -17.02 -25.50
CA ARG B 18 15.74 -17.71 -26.02
C ARG B 18 15.91 -19.01 -25.24
N SER B 19 16.12 -20.11 -25.94
CA SER B 19 16.31 -21.40 -25.27
C SER B 19 17.45 -22.20 -25.89
N LYS B 20 18.19 -22.91 -25.05
CA LYS B 20 19.32 -23.70 -25.53
C LYS B 20 18.95 -25.18 -25.62
N LEU B 21 19.21 -25.78 -26.78
CA LEU B 21 18.92 -27.19 -27.00
C LEU B 21 19.94 -28.00 -26.21
N THR B 22 19.54 -29.18 -25.74
CA THR B 22 20.46 -30.03 -24.98
C THR B 22 21.47 -30.68 -25.93
N GLU B 23 21.12 -30.73 -27.20
CA GLU B 23 21.97 -31.29 -28.24
C GLU B 23 21.53 -30.65 -29.56
N PRO B 24 22.40 -30.65 -30.58
CA PRO B 24 22.04 -30.04 -31.85
C PRO B 24 20.74 -30.61 -32.46
N PHE B 25 19.99 -29.75 -33.13
CA PHE B 25 18.73 -30.16 -33.75
C PHE B 25 19.06 -31.26 -34.76
N GLU B 26 18.31 -32.36 -34.72
CA GLU B 26 18.57 -33.48 -35.62
C GLU B 26 17.38 -33.87 -36.47
N PRO B 27 17.64 -34.53 -37.62
CA PRO B 27 16.55 -34.96 -38.49
C PRO B 27 15.54 -35.79 -37.73
N GLY B 28 14.27 -35.50 -37.93
CA GLY B 28 13.20 -36.22 -37.27
C GLY B 28 12.64 -35.49 -36.06
N GLN B 29 13.32 -34.44 -35.61
CA GLN B 29 12.85 -33.67 -34.45
C GLN B 29 11.99 -32.50 -34.90
N THR B 30 11.10 -32.05 -34.02
CA THR B 30 10.20 -30.94 -34.31
C THR B 30 10.23 -29.88 -33.24
N LEU B 31 10.11 -28.62 -33.65
CA LEU B 31 10.03 -27.54 -32.70
C LEU B 31 8.60 -27.02 -32.86
N ILE B 32 7.86 -26.96 -31.75
CA ILE B 32 6.48 -26.49 -31.78
C ILE B 32 6.34 -25.17 -31.03
N ILE B 33 5.71 -24.19 -31.67
CA ILE B 33 5.50 -22.89 -31.05
C ILE B 33 4.04 -22.49 -31.20
N LYS B 34 3.39 -22.21 -30.09
CA LYS B 34 1.99 -21.80 -30.12
C LYS B 34 1.84 -20.51 -29.31
N GLY B 35 0.96 -19.62 -29.77
CA GLY B 35 0.79 -18.39 -29.03
C GLY B 35 -0.43 -17.60 -29.46
N LYS B 36 -0.56 -16.41 -28.89
CA LYS B 36 -1.68 -15.55 -29.21
C LYS B 36 -1.13 -14.23 -29.70
N THR B 37 -1.83 -13.60 -30.63
CA THR B 37 -1.38 -12.30 -31.13
C THR B 37 -2.42 -11.28 -30.74
N ALA B 38 -2.02 -10.01 -30.74
CA ALA B 38 -2.93 -8.92 -30.40
C ALA B 38 -3.45 -8.24 -31.66
N GLU B 39 -4.53 -7.49 -31.53
CA GLU B 39 -5.09 -6.80 -32.68
C GLU B 39 -4.16 -5.69 -33.18
N ASP B 40 -3.06 -5.46 -32.46
CA ASP B 40 -2.09 -4.45 -32.86
C ASP B 40 -0.73 -5.04 -33.19
N SER B 41 -0.66 -6.37 -33.30
CA SER B 41 0.61 -7.02 -33.61
C SER B 41 1.01 -6.73 -35.06
N VAL B 42 2.29 -6.48 -35.27
CA VAL B 42 2.81 -6.20 -36.61
C VAL B 42 3.50 -7.44 -37.16
N ARG B 43 4.27 -8.11 -36.32
CA ARG B 43 4.96 -9.32 -36.73
C ARG B 43 5.70 -9.96 -35.58
N PHE B 44 6.04 -11.23 -35.76
CA PHE B 44 6.84 -11.93 -34.75
C PHE B 44 7.77 -12.85 -35.52
N THR B 45 8.85 -13.28 -34.86
CA THR B 45 9.83 -14.12 -35.51
C THR B 45 10.19 -15.36 -34.73
N ILE B 46 10.70 -16.34 -35.47
CA ILE B 46 11.16 -17.60 -34.91
C ILE B 46 12.51 -17.85 -35.58
N ASN B 47 13.56 -17.99 -34.77
CA ASN B 47 14.89 -18.22 -35.30
C ASN B 47 15.54 -19.48 -34.75
N LEU B 48 16.12 -20.26 -35.65
CA LEU B 48 16.88 -21.46 -35.28
C LEU B 48 18.29 -20.96 -35.52
N HIS B 49 19.07 -20.83 -34.45
CA HIS B 49 20.39 -20.25 -34.60
C HIS B 49 21.47 -20.80 -33.69
N ASN B 50 22.63 -20.13 -33.73
CA ASN B 50 23.77 -20.49 -32.91
C ASN B 50 24.20 -19.24 -32.14
N THR B 51 25.17 -19.40 -31.24
CA THR B 51 25.70 -18.30 -30.43
C THR B 51 27.10 -18.73 -30.00
N SER B 52 27.45 -18.45 -28.75
CA SER B 52 28.73 -18.83 -28.17
C SER B 52 28.39 -19.57 -26.88
N ALA B 53 27.33 -19.10 -26.23
CA ALA B 53 26.82 -19.65 -24.98
C ALA B 53 25.71 -18.72 -24.51
N ASP B 54 25.83 -17.46 -24.92
CA ASP B 54 24.88 -16.41 -24.59
C ASP B 54 25.42 -15.12 -25.21
N PHE B 55 26.27 -15.30 -26.22
CA PHE B 55 26.90 -14.19 -26.95
C PHE B 55 25.91 -13.59 -27.94
N SER B 56 24.90 -14.36 -28.31
CA SER B 56 23.87 -13.91 -29.25
C SER B 56 24.44 -13.63 -30.64
N GLY B 57 23.57 -13.63 -31.64
CA GLY B 57 23.99 -13.36 -33.00
C GLY B 57 24.34 -14.59 -33.81
N ASN B 58 25.57 -14.60 -34.34
CA ASN B 58 26.04 -15.72 -35.14
C ASN B 58 25.17 -16.02 -36.35
N ASP B 59 25.16 -17.28 -36.76
CA ASP B 59 24.39 -17.71 -37.92
C ASP B 59 22.96 -18.13 -37.57
N VAL B 60 22.08 -17.99 -38.56
CA VAL B 60 20.68 -18.36 -38.40
C VAL B 60 20.29 -19.25 -39.58
N PRO B 61 20.44 -20.59 -39.42
CA PRO B 61 20.10 -21.54 -40.48
C PRO B 61 18.66 -21.38 -40.97
N LEU B 62 17.75 -21.05 -40.06
CA LEU B 62 16.36 -20.84 -40.45
C LEU B 62 15.71 -19.72 -39.66
N HIS B 63 15.24 -18.73 -40.41
CA HIS B 63 14.56 -17.57 -39.85
C HIS B 63 13.14 -17.55 -40.43
N ILE B 64 12.15 -17.38 -39.55
CA ILE B 64 10.77 -17.30 -39.97
C ILE B 64 10.19 -15.98 -39.46
N SER B 65 9.70 -15.16 -40.37
CA SER B 65 9.12 -13.88 -40.00
C SER B 65 7.65 -13.86 -40.43
N VAL B 66 6.75 -13.91 -39.46
CA VAL B 66 5.32 -13.89 -39.75
C VAL B 66 4.94 -12.41 -39.71
N ARG B 67 4.57 -11.89 -40.87
CA ARG B 67 4.25 -10.47 -40.99
C ARG B 67 2.78 -10.17 -41.22
N PHE B 68 2.18 -9.47 -40.26
CA PHE B 68 0.79 -9.11 -40.37
C PHE B 68 0.65 -7.83 -41.18
N ASP B 69 1.69 -7.00 -41.15
CA ASP B 69 1.64 -5.76 -41.92
C ASP B 69 1.79 -6.06 -43.42
N GLU B 70 2.61 -7.04 -43.76
CA GLU B 70 2.81 -7.40 -45.17
C GLU B 70 1.90 -8.54 -45.62
N GLY B 71 1.36 -9.28 -44.64
CA GLY B 71 0.47 -10.39 -44.96
C GLY B 71 1.20 -11.59 -45.55
N LYS B 72 2.46 -11.75 -45.18
CA LYS B 72 3.27 -12.85 -45.69
C LYS B 72 4.10 -13.48 -44.59
N ILE B 73 4.58 -14.69 -44.86
CA ILE B 73 5.48 -15.38 -43.94
C ILE B 73 6.77 -15.45 -44.76
N VAL B 74 7.86 -14.90 -44.22
CA VAL B 74 9.14 -14.88 -44.91
C VAL B 74 10.11 -15.84 -44.27
N PHE B 75 10.76 -16.65 -45.11
CA PHE B 75 11.74 -17.64 -44.66
C PHE B 75 13.09 -17.24 -45.23
N ASN B 76 14.12 -17.26 -44.39
CA ASN B 76 15.45 -16.92 -44.87
C ASN B 76 16.54 -17.50 -43.98
N THR B 77 17.78 -17.29 -44.41
CA THR B 77 18.95 -17.76 -43.68
C THR B 77 19.95 -16.62 -43.55
N PHE B 78 20.54 -16.48 -42.37
CA PHE B 78 21.54 -15.44 -42.14
C PHE B 78 22.86 -16.17 -41.93
N SER B 79 23.83 -15.88 -42.79
CA SER B 79 25.14 -16.51 -42.69
C SER B 79 26.19 -15.60 -43.30
N LYS B 80 27.42 -15.70 -42.81
CA LYS B 80 28.52 -14.88 -43.29
C LYS B 80 28.16 -13.41 -43.13
N GLY B 81 27.38 -13.11 -42.08
CA GLY B 81 26.98 -11.75 -41.80
C GLY B 81 25.97 -11.13 -42.75
N GLU B 82 25.24 -11.95 -43.51
CA GLU B 82 24.26 -11.43 -44.45
C GLU B 82 23.03 -12.30 -44.61
N TRP B 83 21.90 -11.67 -44.94
CA TRP B 83 20.66 -12.41 -45.17
C TRP B 83 20.74 -12.92 -46.61
N GLY B 84 20.16 -14.08 -46.85
CA GLY B 84 20.17 -14.62 -48.20
C GLY B 84 18.91 -14.19 -48.92
N LYS B 85 18.54 -14.94 -49.96
CA LYS B 85 17.34 -14.63 -50.71
C LYS B 85 16.09 -15.15 -50.01
N GLU B 86 15.13 -14.27 -49.82
CA GLU B 86 13.89 -14.62 -49.13
C GLU B 86 12.98 -15.55 -49.92
N GLU B 87 12.31 -16.44 -49.20
CA GLU B 87 11.33 -17.35 -49.77
C GLU B 87 10.08 -16.96 -49.00
N ARG B 88 8.97 -16.77 -49.71
CA ARG B 88 7.74 -16.33 -49.04
C ARG B 88 6.50 -17.19 -49.31
N LYS B 89 5.56 -17.11 -48.38
CA LYS B 89 4.29 -17.83 -48.45
C LYS B 89 3.24 -16.89 -47.87
N SER B 90 1.97 -17.16 -48.16
CA SER B 90 0.89 -16.32 -47.65
C SER B 90 0.74 -16.53 -46.14
N ASN B 91 0.33 -15.48 -45.45
CA ASN B 91 0.11 -15.54 -44.02
C ASN B 91 -1.38 -15.80 -43.82
N PRO B 92 -1.75 -17.01 -43.36
CA PRO B 92 -3.16 -17.33 -43.15
C PRO B 92 -3.73 -16.69 -41.89
N TYR B 93 -2.86 -16.07 -41.10
CA TYR B 93 -3.28 -15.43 -39.86
C TYR B 93 -3.54 -13.94 -40.00
N LYS B 94 -4.55 -13.47 -39.28
CA LYS B 94 -4.89 -12.06 -39.27
C LYS B 94 -4.65 -11.62 -37.83
N LYS B 95 -4.27 -10.36 -37.65
CA LYS B 95 -3.99 -9.81 -36.32
C LYS B 95 -5.05 -10.30 -35.35
N GLY B 96 -4.59 -10.84 -34.23
CA GLY B 96 -5.49 -11.39 -33.23
C GLY B 96 -5.47 -12.89 -33.45
N ASP B 97 -6.28 -13.63 -32.72
CA ASP B 97 -6.33 -15.09 -32.86
C ASP B 97 -4.98 -15.82 -32.76
N ASP B 98 -5.08 -17.08 -32.36
CA ASP B 98 -3.92 -17.93 -32.11
C ASP B 98 -3.14 -18.48 -33.29
N ILE B 99 -1.85 -18.70 -33.07
CA ILE B 99 -0.99 -19.24 -34.11
C ILE B 99 -0.41 -20.57 -33.61
N ASP B 100 -0.07 -21.44 -34.54
CA ASP B 100 0.48 -22.76 -34.24
C ASP B 100 1.44 -23.08 -35.37
N ILE B 101 2.74 -22.93 -35.12
CA ILE B 101 3.75 -23.19 -36.13
C ILE B 101 4.66 -24.31 -35.66
N ARG B 102 4.89 -25.29 -36.53
CA ARG B 102 5.73 -26.43 -36.18
C ARG B 102 6.79 -26.63 -37.23
N ILE B 103 8.03 -26.79 -36.79
CA ILE B 103 9.16 -26.95 -37.68
C ILE B 103 9.79 -28.32 -37.48
N ARG B 104 9.77 -29.15 -38.51
CA ARG B 104 10.37 -30.48 -38.39
C ARG B 104 11.61 -30.55 -39.27
N ALA B 105 12.71 -31.00 -38.67
CA ALA B 105 13.97 -31.12 -39.41
C ALA B 105 14.07 -32.49 -40.07
N HIS B 106 14.64 -32.50 -41.28
CA HIS B 106 14.87 -33.72 -42.05
C HIS B 106 16.30 -33.59 -42.56
N ASP B 107 16.82 -34.62 -43.22
CA ASP B 107 18.20 -34.51 -43.68
C ASP B 107 18.45 -33.55 -44.82
N SER B 108 17.40 -33.10 -45.50
CA SER B 108 17.61 -32.19 -46.63
C SER B 108 16.82 -30.89 -46.58
N LYS B 109 15.96 -30.75 -45.58
CA LYS B 109 15.12 -29.57 -45.50
C LYS B 109 14.40 -29.51 -44.16
N PHE B 110 13.66 -28.42 -43.99
CA PHE B 110 12.83 -28.22 -42.82
C PHE B 110 11.42 -28.25 -43.40
N SER B 111 10.50 -28.88 -42.70
CA SER B 111 9.11 -28.93 -43.12
C SER B 111 8.38 -28.08 -42.10
N ILE B 112 7.76 -26.99 -42.55
CA ILE B 112 7.04 -26.10 -41.66
C ILE B 112 5.53 -26.21 -41.85
N SER B 113 4.82 -26.40 -40.74
CA SER B 113 3.37 -26.53 -40.77
C SER B 113 2.75 -25.36 -40.02
N VAL B 114 1.62 -24.89 -40.54
CA VAL B 114 0.88 -23.82 -39.89
C VAL B 114 -0.51 -24.42 -39.68
N ASP B 115 -0.96 -24.41 -38.44
CA ASP B 115 -2.25 -24.99 -38.07
C ASP B 115 -2.31 -26.47 -38.43
N GLN B 116 -1.17 -27.14 -38.23
CA GLN B 116 -1.02 -28.57 -38.48
C GLN B 116 -1.12 -28.94 -39.95
N LYS B 117 -1.00 -27.94 -40.81
CA LYS B 117 -1.05 -28.15 -42.26
C LYS B 117 0.31 -27.77 -42.85
N GLU B 118 0.91 -28.68 -43.61
CA GLU B 118 2.20 -28.43 -44.24
C GLU B 118 2.07 -27.26 -45.21
N VAL B 119 2.90 -26.24 -45.05
CA VAL B 119 2.83 -25.08 -45.92
C VAL B 119 4.16 -24.72 -46.60
N LYS B 120 5.27 -25.14 -46.01
CA LYS B 120 6.57 -24.81 -46.59
C LYS B 120 7.64 -25.86 -46.37
N GLU B 121 8.41 -26.13 -47.43
CA GLU B 121 9.55 -27.03 -47.34
C GLU B 121 10.73 -26.10 -47.62
N TYR B 122 11.63 -25.98 -46.66
CA TYR B 122 12.78 -25.10 -46.80
C TYR B 122 14.06 -25.92 -46.88
N GLU B 123 14.70 -25.92 -48.04
CA GLU B 123 15.94 -26.67 -48.23
C GLU B 123 17.06 -26.10 -47.36
N HIS B 124 17.85 -26.97 -46.74
CA HIS B 124 18.94 -26.50 -45.91
C HIS B 124 19.93 -25.71 -46.79
N ARG B 125 20.40 -24.58 -46.27
CA ARG B 125 21.34 -23.76 -47.01
C ARG B 125 22.69 -23.83 -46.28
N VAL B 126 22.62 -24.05 -44.95
CA VAL B 126 23.81 -24.19 -44.12
C VAL B 126 23.56 -25.39 -43.21
N PRO B 127 24.60 -25.91 -42.54
CA PRO B 127 24.45 -27.08 -41.66
C PRO B 127 23.39 -27.01 -40.57
N LEU B 128 22.51 -28.00 -40.57
CA LEU B 128 21.47 -28.12 -39.57
C LEU B 128 22.13 -28.24 -38.20
N SER B 129 23.28 -28.92 -38.16
CA SER B 129 24.01 -29.13 -36.92
C SER B 129 24.50 -27.83 -36.29
N SER B 130 24.36 -26.72 -37.03
CA SER B 130 24.78 -25.42 -36.51
C SER B 130 23.76 -24.87 -35.53
N VAL B 131 22.53 -25.40 -35.59
CA VAL B 131 21.46 -24.93 -34.71
C VAL B 131 21.64 -25.42 -33.28
N THR B 132 21.94 -24.49 -32.37
CA THR B 132 22.15 -24.83 -30.97
C THR B 132 21.13 -24.14 -30.06
N HIS B 133 20.39 -23.20 -30.63
CA HIS B 133 19.39 -22.42 -29.89
C HIS B 133 18.21 -22.08 -30.78
N PHE B 134 17.13 -21.64 -30.17
CA PHE B 134 15.98 -21.15 -30.92
C PHE B 134 15.46 -19.95 -30.13
N SER B 135 15.00 -18.93 -30.84
CA SER B 135 14.48 -17.73 -30.20
C SER B 135 13.16 -17.35 -30.84
N VAL B 136 12.29 -16.75 -30.04
CA VAL B 136 11.00 -16.28 -30.53
C VAL B 136 10.86 -14.86 -29.99
N ASP B 137 10.55 -13.92 -30.85
CA ASP B 137 10.41 -12.55 -30.40
C ASP B 137 9.33 -11.85 -31.22
N GLY B 138 8.97 -10.64 -30.81
CA GLY B 138 7.96 -9.90 -31.54
C GLY B 138 6.63 -9.78 -30.84
N ASP B 139 5.61 -9.46 -31.63
CA ASP B 139 4.26 -9.27 -31.12
C ASP B 139 3.48 -10.57 -31.02
N ILE B 140 3.87 -11.39 -30.05
CA ILE B 140 3.23 -12.66 -29.84
C ILE B 140 3.27 -12.97 -28.34
N LEU B 141 2.22 -13.62 -27.85
CA LEU B 141 2.15 -14.02 -26.44
C LEU B 141 2.22 -15.54 -26.49
N ILE B 142 3.41 -16.07 -26.25
CA ILE B 142 3.66 -17.51 -26.31
C ILE B 142 2.93 -18.29 -25.21
N THR B 143 2.25 -19.35 -25.62
CA THR B 143 1.49 -20.19 -24.69
C THR B 143 2.06 -21.61 -24.59
N TYR B 144 2.79 -22.04 -25.61
CA TYR B 144 3.35 -23.39 -25.61
C TYR B 144 4.56 -23.54 -26.50
N ILE B 145 5.57 -24.24 -25.99
CA ILE B 145 6.77 -24.50 -26.76
C ILE B 145 7.24 -25.89 -26.42
N HIS B 146 7.73 -26.60 -27.42
CA HIS B 146 8.26 -27.94 -27.18
C HIS B 146 9.16 -28.36 -28.31
N TRP B 147 10.26 -29.02 -27.97
CA TRP B 147 11.14 -29.52 -29.00
C TRP B 147 11.50 -30.94 -28.60
N GLY B 148 11.46 -31.83 -29.57
CA GLY B 148 11.76 -33.21 -29.32
C GLY B 148 11.23 -34.10 -30.43
N GLY B 149 10.97 -35.35 -30.09
CA GLY B 149 10.47 -36.29 -31.07
C GLY B 149 11.64 -36.90 -31.82
N LYS B 150 11.31 -37.74 -32.81
CA LYS B 150 12.33 -38.42 -33.60
C LYS B 150 11.53 -39.09 -34.70
N TYR B 151 12.18 -39.95 -35.49
CA TYR B 151 11.47 -40.69 -36.51
C TYR B 151 10.93 -41.93 -35.80
N TYR B 152 9.60 -42.04 -35.72
CA TYR B 152 8.99 -43.19 -35.07
C TYR B 152 8.49 -44.14 -36.13
N PRO B 153 9.02 -45.37 -36.15
CA PRO B 153 8.53 -46.30 -37.17
C PRO B 153 7.13 -46.78 -36.83
N VAL B 154 6.32 -47.01 -37.86
CA VAL B 154 4.97 -47.52 -37.67
C VAL B 154 4.81 -48.71 -38.62
N PRO B 155 4.29 -49.84 -38.13
CA PRO B 155 3.82 -50.12 -36.77
C PRO B 155 4.86 -49.81 -35.70
N TYR B 156 4.38 -49.26 -34.61
CA TYR B 156 5.22 -48.88 -33.49
C TYR B 156 4.88 -49.75 -32.29
N GLU B 157 5.89 -50.10 -31.51
CA GLU B 157 5.68 -50.89 -30.31
C GLU B 157 6.81 -50.59 -29.36
N SER B 158 6.47 -50.27 -28.12
CA SER B 158 7.50 -49.96 -27.14
C SER B 158 6.99 -50.14 -25.73
N GLY B 159 7.93 -50.25 -24.79
CA GLY B 159 7.53 -50.37 -23.40
C GLY B 159 7.47 -48.96 -22.88
N LEU B 160 6.79 -48.74 -21.76
CA LEU B 160 6.71 -47.39 -21.19
C LEU B 160 7.48 -47.36 -19.88
N ALA B 161 8.47 -46.46 -19.82
CA ALA B 161 9.31 -46.26 -18.64
C ALA B 161 9.22 -47.38 -17.59
N GLY B 162 8.86 -47.00 -16.37
CA GLY B 162 8.75 -47.98 -15.29
C GLY B 162 7.35 -48.07 -14.72
N ASP B 163 6.87 -46.97 -14.14
CA ASP B 163 5.53 -46.95 -13.57
C ASP B 163 4.51 -47.01 -14.71
N GLY B 164 4.97 -46.73 -15.92
CA GLY B 164 4.10 -46.76 -17.07
C GLY B 164 3.05 -45.65 -17.02
N LEU B 165 1.93 -45.88 -17.69
CA LEU B 165 0.83 -44.92 -17.74
C LEU B 165 -0.18 -45.17 -16.63
N ALA B 166 0.13 -44.73 -15.41
CA ALA B 166 -0.75 -44.93 -14.26
C ALA B 166 -1.55 -43.67 -13.96
N PRO B 167 -2.57 -43.78 -13.08
CA PRO B 167 -3.37 -42.59 -12.75
C PRO B 167 -2.43 -41.45 -12.38
N GLY B 168 -2.70 -40.26 -12.90
CA GLY B 168 -1.84 -39.13 -12.62
C GLY B 168 -0.82 -38.87 -13.71
N LYS B 169 -0.71 -39.81 -14.65
CA LYS B 169 0.22 -39.66 -15.75
C LYS B 169 -0.56 -39.51 -17.06
N SER B 170 0.07 -38.93 -18.07
CA SER B 170 -0.59 -38.74 -19.35
C SER B 170 0.37 -39.04 -20.48
N LEU B 171 -0.17 -39.58 -21.57
CA LEU B 171 0.61 -39.92 -22.74
C LEU B 171 0.18 -38.99 -23.86
N LEU B 172 1.13 -38.25 -24.43
CA LEU B 172 0.83 -37.32 -25.51
C LEU B 172 1.47 -37.83 -26.80
N ILE B 173 0.65 -37.95 -27.84
CA ILE B 173 1.12 -38.41 -29.15
C ILE B 173 0.82 -37.39 -30.22
N PHE B 174 1.84 -37.01 -30.98
CA PHE B 174 1.68 -36.07 -32.09
C PHE B 174 1.70 -36.96 -33.33
N ALA B 175 0.62 -36.94 -34.10
CA ALA B 175 0.55 -37.78 -35.29
C ALA B 175 -0.21 -37.13 -36.43
N THR B 176 0.01 -37.67 -37.63
CA THR B 176 -0.68 -37.16 -38.81
C THR B 176 -1.34 -38.31 -39.56
N PRO B 177 -2.68 -38.39 -39.51
CA PRO B 177 -3.37 -39.46 -40.23
C PRO B 177 -2.93 -39.34 -41.69
N GLU B 178 -2.69 -40.46 -42.36
CA GLU B 178 -2.24 -40.39 -43.75
C GLU B 178 -3.30 -39.80 -44.66
N LYS B 179 -2.84 -39.01 -45.64
CA LYS B 179 -3.72 -38.35 -46.59
C LYS B 179 -4.77 -39.25 -47.25
N LYS B 180 -4.38 -40.47 -47.60
CA LYS B 180 -5.32 -41.40 -48.23
C LYS B 180 -5.54 -42.64 -47.36
N GLY B 181 -5.30 -42.49 -46.06
CA GLY B 181 -5.48 -43.61 -45.14
C GLY B 181 -6.94 -43.82 -44.81
N LYS B 182 -7.26 -44.97 -44.22
CA LYS B 182 -8.63 -45.27 -43.86
C LYS B 182 -8.84 -45.34 -42.36
N ARG B 183 -7.82 -45.81 -41.65
CA ARG B 183 -7.91 -45.90 -40.20
C ARG B 183 -6.56 -46.22 -39.56
N PHE B 184 -6.45 -45.94 -38.27
CA PHE B 184 -5.23 -46.24 -37.53
C PHE B 184 -5.64 -46.49 -36.10
N HIS B 185 -4.72 -46.96 -35.29
CA HIS B 185 -5.06 -47.23 -33.89
C HIS B 185 -3.88 -47.05 -32.96
N ILE B 186 -4.21 -46.89 -31.68
CA ILE B 186 -3.24 -46.73 -30.62
C ILE B 186 -3.71 -47.65 -29.50
N ASN B 187 -2.85 -48.57 -29.07
CA ASN B 187 -3.17 -49.49 -27.97
C ASN B 187 -2.34 -49.22 -26.74
N LEU B 188 -3.01 -49.16 -25.59
CA LEU B 188 -2.33 -48.96 -24.29
C LEU B 188 -2.48 -50.35 -23.66
N LEU B 189 -1.37 -51.05 -23.49
CA LEU B 189 -1.44 -52.42 -23.00
C LEU B 189 -0.90 -52.74 -21.61
N LYS B 190 -1.44 -53.82 -21.06
CA LYS B 190 -1.01 -54.31 -19.76
C LYS B 190 0.09 -55.35 -20.03
N LYS B 191 0.79 -55.75 -18.98
CA LYS B 191 1.89 -56.71 -19.08
C LYS B 191 1.54 -58.08 -19.68
N ASN B 192 0.27 -58.48 -19.59
CA ASN B 192 -0.14 -59.78 -20.12
C ASN B 192 -0.66 -59.71 -21.55
N GLY B 193 -0.62 -58.52 -22.15
CA GLY B 193 -1.11 -58.39 -23.51
C GLY B 193 -2.52 -57.87 -23.64
N ASP B 194 -3.25 -57.77 -22.53
CA ASP B 194 -4.61 -57.24 -22.58
C ASP B 194 -4.48 -55.79 -23.01
N ILE B 195 -5.48 -55.29 -23.74
CA ILE B 195 -5.44 -53.90 -24.16
C ILE B 195 -6.42 -53.11 -23.30
N ALA B 196 -5.88 -52.22 -22.48
CA ALA B 196 -6.71 -51.41 -21.61
C ALA B 196 -7.56 -50.42 -22.40
N LEU B 197 -7.06 -49.87 -23.51
CA LEU B 197 -7.89 -48.92 -24.24
C LEU B 197 -8.27 -49.00 -25.73
N HIS B 198 -7.33 -49.30 -26.63
CA HIS B 198 -7.61 -49.34 -28.07
C HIS B 198 -8.42 -48.13 -28.55
N PHE B 199 -7.70 -47.18 -29.12
CA PHE B 199 -8.24 -45.91 -29.64
C PHE B 199 -8.08 -46.07 -31.15
N ASN B 200 -9.21 -46.18 -31.84
CA ASN B 200 -9.19 -46.48 -33.27
C ASN B 200 -10.01 -45.59 -34.20
N PRO B 201 -9.41 -44.48 -34.67
CA PRO B 201 -10.14 -43.59 -35.57
C PRO B 201 -10.41 -44.27 -36.91
N ARG B 202 -11.66 -44.25 -37.36
CA ARG B 202 -12.05 -44.86 -38.63
C ARG B 202 -12.70 -43.82 -39.52
N PHE B 203 -11.96 -43.35 -40.51
CA PHE B 203 -12.48 -42.33 -41.42
C PHE B 203 -13.57 -42.89 -42.32
N ASP B 204 -13.50 -44.19 -42.62
CA ASP B 204 -14.51 -44.82 -43.47
C ASP B 204 -15.83 -44.99 -42.73
N GLU B 205 -15.78 -44.92 -41.40
CA GLU B 205 -16.98 -45.07 -40.58
C GLU B 205 -17.30 -43.76 -39.86
N LYS B 206 -16.47 -42.75 -40.09
CA LYS B 206 -16.63 -41.43 -39.50
C LYS B 206 -16.80 -41.46 -37.98
N ALA B 207 -15.94 -42.22 -37.31
CA ALA B 207 -16.02 -42.32 -35.86
C ALA B 207 -14.74 -42.84 -35.28
N ILE B 208 -14.57 -42.67 -33.98
CA ILE B 208 -13.39 -43.18 -33.32
C ILE B 208 -13.91 -44.27 -32.38
N VAL B 209 -13.48 -45.51 -32.62
CA VAL B 209 -13.91 -46.60 -31.77
C VAL B 209 -12.94 -46.79 -30.61
N ARG B 210 -13.51 -46.99 -29.42
CA ARG B 210 -12.73 -47.23 -28.21
C ARG B 210 -13.21 -48.57 -27.67
N ASN B 211 -12.28 -49.41 -27.25
CA ASN B 211 -12.65 -50.73 -26.72
C ASN B 211 -11.48 -51.30 -25.94
N SER B 212 -11.70 -52.45 -25.31
CA SER B 212 -10.66 -53.12 -24.55
C SER B 212 -10.60 -54.57 -25.01
N LEU B 213 -9.41 -55.15 -24.93
CA LEU B 213 -9.21 -56.54 -25.31
C LEU B 213 -8.81 -57.25 -24.02
N ILE B 214 -9.67 -58.14 -23.54
CA ILE B 214 -9.40 -58.85 -22.30
C ILE B 214 -9.45 -60.36 -22.55
N SER B 215 -8.34 -61.03 -22.26
CA SER B 215 -8.25 -62.47 -22.47
C SER B 215 -8.62 -62.84 -23.90
N GLY B 216 -8.11 -62.05 -24.84
CA GLY B 216 -8.35 -62.28 -26.26
C GLY B 216 -9.74 -61.94 -26.79
N GLU B 217 -10.55 -61.27 -25.98
CA GLU B 217 -11.91 -60.91 -26.42
C GLU B 217 -12.18 -59.41 -26.37
N TRP B 218 -12.77 -58.89 -27.43
CA TRP B 218 -13.13 -57.47 -27.50
C TRP B 218 -14.40 -57.21 -26.71
N GLY B 219 -14.47 -56.04 -26.08
CA GLY B 219 -15.65 -55.66 -25.32
C GLY B 219 -16.71 -54.98 -26.17
N ASN B 220 -17.61 -54.26 -25.52
CA ASN B 220 -18.73 -53.57 -26.19
C ASN B 220 -18.47 -52.73 -27.45
N GLU B 221 -17.70 -51.66 -27.28
CA GLU B 221 -17.34 -50.68 -28.32
C GLU B 221 -18.05 -49.37 -28.00
N GLU B 222 -17.25 -48.33 -27.74
CA GLU B 222 -17.78 -47.01 -27.45
C GLU B 222 -17.32 -46.15 -28.62
N ARG B 223 -18.27 -45.62 -29.37
CA ARG B 223 -17.91 -44.80 -30.52
C ARG B 223 -18.75 -43.54 -30.66
N GLU B 224 -18.66 -42.92 -31.83
CA GLU B 224 -19.40 -41.69 -32.13
C GLU B 224 -18.95 -40.48 -31.30
N GLY B 225 -18.64 -39.40 -32.01
CA GLY B 225 -18.19 -38.18 -31.37
C GLY B 225 -17.88 -37.16 -32.46
N LYS B 226 -18.35 -37.44 -33.66
CA LYS B 226 -18.15 -36.58 -34.83
C LYS B 226 -16.74 -36.65 -35.41
N ASN B 227 -15.87 -37.41 -34.76
CA ASN B 227 -14.47 -37.55 -35.18
C ASN B 227 -13.86 -36.21 -35.59
N PRO B 228 -13.04 -35.63 -34.69
CA PRO B 228 -12.38 -34.34 -34.92
C PRO B 228 -11.12 -34.40 -35.79
N LEU B 229 -10.71 -35.61 -36.19
CA LEU B 229 -9.52 -35.76 -37.01
C LEU B 229 -9.81 -35.54 -38.49
N GLU B 230 -8.77 -35.24 -39.26
CA GLU B 230 -8.88 -35.02 -40.71
C GLU B 230 -7.66 -35.65 -41.38
N LYS B 231 -7.89 -36.34 -42.49
CA LYS B 231 -6.78 -36.97 -43.19
C LYS B 231 -5.74 -35.92 -43.62
N GLY B 232 -4.47 -36.24 -43.44
CA GLY B 232 -3.41 -35.34 -43.84
C GLY B 232 -3.11 -34.15 -42.95
N ILE B 233 -3.88 -33.96 -41.88
CA ILE B 233 -3.66 -32.83 -40.97
C ILE B 233 -3.14 -33.35 -39.63
N GLY B 234 -2.12 -32.70 -39.11
CA GLY B 234 -1.55 -33.12 -37.85
C GLY B 234 -2.53 -33.00 -36.70
N CYS B 235 -2.37 -33.84 -35.69
CA CYS B 235 -3.24 -33.78 -34.53
C CYS B 235 -2.45 -34.03 -33.25
N ASP B 236 -3.01 -33.59 -32.14
CA ASP B 236 -2.38 -33.77 -30.83
C ASP B 236 -3.33 -34.66 -30.05
N LEU B 237 -2.86 -35.84 -29.67
CA LEU B 237 -3.71 -36.77 -28.93
C LEU B 237 -3.14 -36.92 -27.52
N GLU B 238 -4.00 -36.87 -26.51
CA GLU B 238 -3.52 -37.01 -25.15
C GLU B 238 -4.40 -37.97 -24.37
N PHE B 239 -3.76 -38.94 -23.73
CA PHE B 239 -4.49 -39.92 -22.94
C PHE B 239 -4.12 -39.69 -21.48
N ARG B 240 -5.01 -39.05 -20.74
CA ARG B 240 -4.77 -38.77 -19.33
C ARG B 240 -5.37 -39.86 -18.48
N ASN B 241 -4.52 -40.59 -17.79
CA ASN B 241 -4.98 -41.68 -16.95
C ASN B 241 -5.36 -41.08 -15.61
N GLU B 242 -6.62 -41.27 -15.22
CA GLU B 242 -7.08 -40.77 -13.94
C GLU B 242 -7.67 -41.91 -13.12
N GLU B 243 -8.07 -41.62 -11.89
CA GLU B 243 -8.60 -42.63 -10.99
C GLU B 243 -9.65 -43.59 -11.53
N TYR B 244 -10.68 -43.05 -12.16
CA TYR B 244 -11.76 -43.90 -12.65
C TYR B 244 -11.88 -44.06 -14.15
N ALA B 245 -11.25 -43.18 -14.91
CA ALA B 245 -11.34 -43.28 -16.36
C ALA B 245 -10.22 -42.54 -17.07
N PHE B 246 -10.03 -42.90 -18.33
CA PHE B 246 -9.04 -42.23 -19.16
C PHE B 246 -9.77 -40.98 -19.64
N GLN B 247 -9.06 -39.85 -19.72
CA GLN B 247 -9.65 -38.62 -20.24
C GLN B 247 -8.93 -38.49 -21.58
N ILE B 248 -9.67 -38.58 -22.68
CA ILE B 248 -9.07 -38.51 -24.01
C ILE B 248 -9.22 -37.14 -24.66
N TYR B 249 -8.09 -36.49 -24.91
CA TYR B 249 -8.10 -35.16 -25.53
C TYR B 249 -7.61 -35.19 -26.96
N VAL B 250 -8.28 -34.44 -27.82
CA VAL B 250 -7.89 -34.37 -29.22
C VAL B 250 -7.80 -32.90 -29.58
N ASP B 251 -6.58 -32.47 -29.94
CA ASP B 251 -6.32 -31.08 -30.30
C ASP B 251 -6.73 -30.09 -29.19
N GLY B 252 -6.43 -30.47 -27.95
CA GLY B 252 -6.73 -29.63 -26.81
C GLY B 252 -8.12 -29.70 -26.19
N GLU B 253 -9.04 -30.38 -26.86
CA GLU B 253 -10.40 -30.50 -26.36
C GLU B 253 -10.69 -31.92 -25.86
N ARG B 254 -11.43 -32.05 -24.78
CA ARG B 254 -11.74 -33.40 -24.29
C ARG B 254 -12.69 -34.02 -25.29
N PHE B 255 -12.26 -35.12 -25.90
CA PHE B 255 -13.08 -35.81 -26.88
C PHE B 255 -14.01 -36.83 -26.22
N ALA B 256 -13.52 -37.49 -25.18
CA ALA B 256 -14.34 -38.48 -24.49
C ALA B 256 -13.64 -38.99 -23.24
N THR B 257 -14.39 -39.73 -22.42
CA THR B 257 -13.82 -40.35 -21.24
C THR B 257 -14.03 -41.84 -21.46
N TYR B 258 -13.17 -42.66 -20.88
CA TYR B 258 -13.29 -44.11 -21.03
C TYR B 258 -13.10 -44.75 -19.67
N ALA B 259 -14.20 -45.26 -19.11
CA ALA B 259 -14.17 -45.88 -17.79
C ALA B 259 -13.21 -47.08 -17.81
N HIS B 260 -12.38 -47.18 -16.78
CA HIS B 260 -11.44 -48.29 -16.70
C HIS B 260 -12.14 -49.64 -16.64
N ARG B 261 -11.75 -50.55 -17.53
CA ARG B 261 -12.32 -51.89 -17.56
C ARG B 261 -11.30 -52.85 -16.98
N LEU B 262 -10.07 -52.37 -16.86
CA LEU B 262 -8.98 -53.15 -16.29
C LEU B 262 -8.30 -52.24 -15.29
N ASP B 263 -7.67 -52.83 -14.29
CA ASP B 263 -6.98 -52.06 -13.28
C ASP B 263 -6.02 -51.10 -13.96
N PRO B 264 -6.10 -49.81 -13.63
CA PRO B 264 -5.13 -48.95 -14.31
C PRO B 264 -3.80 -49.43 -13.70
N HIS B 265 -2.79 -48.59 -13.63
CA HIS B 265 -1.53 -49.07 -13.06
C HIS B 265 -0.96 -50.20 -13.92
N ASP B 266 0.36 -50.22 -14.06
CA ASP B 266 1.03 -51.24 -14.83
C ASP B 266 0.67 -51.28 -16.31
N ILE B 267 0.24 -50.14 -16.85
CA ILE B 267 -0.03 -50.06 -18.29
C ILE B 267 1.34 -49.65 -18.82
N ASN B 268 2.13 -50.64 -19.22
CA ASN B 268 3.49 -50.42 -19.67
C ASN B 268 3.80 -50.72 -21.13
N GLY B 269 2.75 -50.89 -21.94
CA GLY B 269 2.96 -51.17 -23.35
C GLY B 269 2.22 -50.20 -24.23
N LEU B 270 2.82 -49.86 -25.36
CA LEU B 270 2.23 -48.94 -26.31
C LEU B 270 2.41 -49.46 -27.72
N GLN B 271 1.33 -49.51 -28.48
CA GLN B 271 1.42 -49.95 -29.87
C GLN B 271 0.67 -48.91 -30.69
N ILE B 272 1.16 -48.65 -31.89
CA ILE B 272 0.49 -47.71 -32.79
C ILE B 272 0.58 -48.36 -34.17
N GLY B 273 -0.55 -48.44 -34.86
CA GLY B 273 -0.53 -49.05 -36.18
C GLY B 273 -1.53 -48.44 -37.12
N GLY B 274 -1.56 -48.92 -38.35
CA GLY B 274 -2.50 -48.38 -39.31
C GLY B 274 -1.92 -47.25 -40.15
N ASP B 275 -2.82 -46.53 -40.81
CA ASP B 275 -2.45 -45.45 -41.71
C ASP B 275 -2.19 -44.13 -40.98
N VAL B 276 -1.02 -44.03 -40.37
CA VAL B 276 -0.68 -42.84 -39.63
C VAL B 276 0.82 -42.62 -39.54
N GLU B 277 1.21 -41.35 -39.45
CA GLU B 277 2.60 -40.95 -39.33
C GLU B 277 2.74 -40.41 -37.90
N VAL B 278 3.74 -40.88 -37.16
CA VAL B 278 3.93 -40.44 -35.78
C VAL B 278 5.18 -39.56 -35.68
N THR B 279 5.03 -38.37 -35.09
CA THR B 279 6.15 -37.44 -34.98
C THR B 279 6.53 -37.09 -33.54
N GLY B 280 5.74 -37.56 -32.58
CA GLY B 280 6.08 -37.28 -31.20
C GLY B 280 5.34 -38.14 -30.19
N ILE B 281 6.06 -38.61 -29.17
CA ILE B 281 5.48 -39.41 -28.11
C ILE B 281 6.13 -38.92 -26.81
N GLN B 282 5.31 -38.48 -25.87
CA GLN B 282 5.81 -38.00 -24.60
C GLN B 282 4.99 -38.58 -23.45
N MET B 283 5.69 -38.93 -22.38
CA MET B 283 5.03 -39.46 -21.18
C MET B 283 5.24 -38.39 -20.12
N VAL B 284 4.16 -37.96 -19.49
CA VAL B 284 4.24 -36.91 -18.47
C VAL B 284 3.64 -37.37 -17.14
#